data_8VFJ
#
_entry.id   8VFJ
#
_cell.length_a   55.378
_cell.length_b   80.890
_cell.length_c   58.302
_cell.angle_alpha   90.000
_cell.angle_beta   110.150
_cell.angle_gamma   90.000
#
_symmetry.space_group_name_H-M   'P 1 21 1'
#
loop_
_entity.id
_entity.type
_entity.pdbx_description
1 polymer 'DNA polymerase beta'
2 polymer "DNA (5'-D(*CP*CP*GP*AP*CP*GP*GP*CP*GP*CP*AP*TP*(FAP)P*AP*GP*C)-3')"
3 polymer "DNA (5'-D(*GP*CP*TP*TP*AP*TP*GP*CP*GP*C)-3')"
4 polymer "DNA (5'-D(P*GP*TP*CP*GP*G)-3')"
5 non-polymer 'SODIUM ION'
6 water water
#
loop_
_entity_poly.entity_id
_entity_poly.type
_entity_poly.pdbx_seq_one_letter_code
_entity_poly.pdbx_strand_id
1 'polypeptide(L)'
;MSKRKAPQETLNGGITDMLTELANFEKNVSQAIHKYNAYRKAASVIAKYPHKIKSGAEAKKLPGVGTKIAEKIDEFLATG
KLRKLEKIRQDDTSSSINFLTRVSGIGPSAARKFVDEGIKTLEDLRKNEDKLNHHQRIGLKYFGDFEKRIPREEMLQMQD
IVLNEVKKVDSEYIATVCGSFRRGAESSGDMDVLLTHPSFTSESTKQPKLLHQVVEQLQKVHFITDTLSKGETKFMGVCQ
LPSKNDEKEYPHRRIDIRLIPKDQYYCGVLYFTGSDIFNKNMRAHALEKGFTINEYTIRPLGVTGVAGEPLPVDSEKDIF
DYIQWKYREPKDRSE
;
A
2 'polydeoxyribonucleotide' (DC)(DC)(DG)(DA)(DC)(DG)(DG)(DC)(DG)(DC)(DA)(DT)(8NI)(DA)(DG)(DC) T
3 'polydeoxyribonucleotide' (DG)(DC)(DT)(DT)(DA)(DT)(DG)(DC)(DG)(DC) P
4 'polydeoxyribonucleotide' (DG)(DT)(DC)(DG)(DG) D
#
# COMPACT_ATOMS: atom_id res chain seq x y z
N PRO A 7 1.69 -9.58 19.63
CA PRO A 7 2.99 -10.24 19.81
C PRO A 7 4.13 -9.46 19.15
N GLN A 8 4.93 -8.77 19.97
CA GLN A 8 5.95 -7.86 19.48
C GLN A 8 7.14 -8.64 18.92
N GLU A 9 8.22 -7.91 18.61
CA GLU A 9 9.53 -8.34 18.14
C GLU A 9 10.20 -9.47 18.94
N THR A 10 10.18 -9.43 20.27
CA THR A 10 10.90 -10.42 21.11
C THR A 10 10.44 -11.86 20.84
N LEU A 11 9.22 -12.03 20.35
CA LEU A 11 8.66 -13.36 20.17
C LEU A 11 9.27 -14.10 18.98
N ASN A 12 9.07 -13.58 17.75
CA ASN A 12 9.62 -14.23 16.55
C ASN A 12 10.28 -13.23 15.62
N GLY A 13 10.82 -12.13 16.18
CA GLY A 13 11.34 -11.07 15.34
C GLY A 13 12.51 -11.53 14.48
N GLY A 14 13.36 -12.39 15.02
CA GLY A 14 14.48 -12.86 14.23
C GLY A 14 14.03 -13.68 13.04
N ILE A 15 12.91 -14.39 13.18
CA ILE A 15 12.41 -15.20 12.07
C ILE A 15 11.76 -14.30 11.02
N THR A 16 10.86 -13.42 11.44
CA THR A 16 10.14 -12.63 10.45
C THR A 16 11.05 -11.62 9.75
N ASP A 17 12.12 -11.15 10.40
CA ASP A 17 13.11 -10.34 9.68
C ASP A 17 13.86 -11.18 8.66
N MET A 18 14.22 -12.42 9.02
CA MET A 18 14.84 -13.33 8.07
C MET A 18 13.96 -13.50 6.83
N LEU A 19 12.67 -13.74 7.04
CA LEU A 19 11.75 -14.01 5.94
C LEU A 19 11.50 -12.75 5.11
N THR A 20 11.27 -11.64 5.79
CA THR A 20 11.17 -10.36 5.11
C THR A 20 12.41 -10.09 4.27
N GLU A 21 13.59 -10.39 4.82
CA GLU A 21 14.82 -10.07 4.05
C GLU A 21 14.87 -11.03 2.84
N LEU A 22 14.50 -12.30 3.03
CA LEU A 22 14.39 -13.18 1.86
C LEU A 22 13.35 -12.67 0.87
N ALA A 23 12.20 -12.20 1.38
CA ALA A 23 11.17 -11.63 0.52
C ALA A 23 11.75 -10.52 -0.36
N ASN A 24 12.34 -9.51 0.27
CA ASN A 24 12.94 -8.40 -0.48
C ASN A 24 13.94 -8.91 -1.50
N PHE A 25 14.76 -9.88 -1.11
CA PHE A 25 15.72 -10.47 -2.05
C PHE A 25 15.02 -11.02 -3.28
N GLU A 26 13.94 -11.79 -3.10
CA GLU A 26 13.30 -12.38 -4.27
C GLU A 26 12.62 -11.32 -5.13
N LYS A 27 12.04 -10.29 -4.52
CA LYS A 27 11.41 -9.25 -5.33
C LYS A 27 12.47 -8.46 -6.10
N ASN A 28 13.43 -7.88 -5.39
CA ASN A 28 14.32 -6.90 -5.99
C ASN A 28 15.45 -7.56 -6.79
N VAL A 29 15.95 -8.72 -6.35
CA VAL A 29 17.09 -9.31 -7.03
C VAL A 29 16.69 -10.42 -7.98
N SER A 30 16.09 -11.48 -7.49
CA SER A 30 15.70 -12.64 -8.33
C SER A 30 14.57 -12.24 -9.30
N GLN A 31 13.80 -11.22 -8.94
CA GLN A 31 12.67 -10.77 -9.74
C GLN A 31 11.58 -11.86 -9.80
N ALA A 32 11.17 -12.33 -8.62
CA ALA A 32 10.27 -13.47 -8.48
C ALA A 32 9.19 -13.04 -7.48
N ILE A 33 8.18 -12.35 -7.98
CA ILE A 33 7.23 -11.68 -7.11
C ILE A 33 6.37 -12.65 -6.30
N HIS A 34 6.18 -13.87 -6.82
CA HIS A 34 5.43 -14.88 -6.10
C HIS A 34 6.27 -15.44 -4.97
N LYS A 35 7.57 -15.65 -5.19
CA LYS A 35 8.46 -15.98 -4.08
C LYS A 35 8.47 -14.86 -3.02
N TYR A 36 8.42 -13.61 -3.47
CA TYR A 36 8.36 -12.49 -2.53
C TYR A 36 7.06 -12.54 -1.74
N ASN A 37 5.94 -12.78 -2.43
CA ASN A 37 4.67 -12.77 -1.73
C ASN A 37 4.51 -13.97 -0.80
N ALA A 38 5.19 -15.07 -1.09
CA ALA A 38 5.15 -16.21 -0.18
C ALA A 38 5.93 -15.90 1.09
N TYR A 39 7.13 -15.36 0.94
CA TYR A 39 7.87 -14.98 2.14
C TYR A 39 7.11 -13.96 2.96
N ARG A 40 6.45 -12.99 2.30
CA ARG A 40 5.61 -12.03 3.02
C ARG A 40 4.49 -12.73 3.77
N LYS A 41 3.75 -13.61 3.08
CA LYS A 41 2.69 -14.43 3.67
C LYS A 41 3.19 -15.15 4.91
N ALA A 42 4.25 -15.94 4.74
CA ALA A 42 4.83 -16.66 5.87
C ALA A 42 5.19 -15.71 6.99
N ALA A 43 5.80 -14.57 6.65
CA ALA A 43 6.27 -13.67 7.68
C ALA A 43 5.11 -13.08 8.46
N SER A 44 4.05 -12.67 7.78
CA SER A 44 2.95 -12.00 8.50
C SER A 44 2.24 -12.96 9.44
N VAL A 45 1.97 -14.20 9.02
CA VAL A 45 1.29 -15.19 9.86
C VAL A 45 2.13 -15.54 11.09
N ILE A 46 3.46 -15.55 10.97
CA ILE A 46 4.30 -15.78 12.14
C ILE A 46 4.28 -14.58 13.09
N ALA A 47 4.27 -13.35 12.56
CA ALA A 47 4.20 -12.18 13.42
C ALA A 47 2.90 -12.13 14.23
N LYS A 48 1.83 -12.78 13.74
CA LYS A 48 0.61 -12.95 14.53
C LYS A 48 0.82 -13.92 15.70
N TYR A 49 1.26 -15.15 15.39
CA TYR A 49 1.46 -16.28 16.32
C TYR A 49 1.90 -15.81 17.69
N PRO A 50 1.20 -16.20 18.76
CA PRO A 50 1.42 -15.55 20.06
C PRO A 50 2.31 -16.37 20.99
N HIS A 51 3.24 -17.15 20.44
CA HIS A 51 4.28 -17.84 21.21
C HIS A 51 5.58 -17.81 20.44
N LYS A 52 6.70 -17.82 21.19
CA LYS A 52 8.01 -18.03 20.57
C LYS A 52 8.07 -19.40 19.91
N ILE A 53 8.54 -19.44 18.68
CA ILE A 53 8.58 -20.68 17.91
C ILE A 53 9.83 -21.46 18.30
N LYS A 54 9.65 -22.73 18.66
CA LYS A 54 10.78 -23.56 19.06
C LYS A 54 11.16 -24.59 17.99
N SER A 55 10.41 -24.70 16.92
CA SER A 55 10.80 -25.63 15.87
C SER A 55 10.22 -25.20 14.53
N GLY A 56 10.90 -25.60 13.45
CA GLY A 56 10.33 -25.42 12.13
C GLY A 56 9.06 -26.22 11.93
N ALA A 57 8.96 -27.39 12.57
CA ALA A 57 7.75 -28.19 12.40
C ALA A 57 6.56 -27.47 13.02
N GLU A 58 6.77 -26.73 14.09
CA GLU A 58 5.67 -26.06 14.75
C GLU A 58 5.14 -24.92 13.89
N ALA A 59 6.05 -24.19 13.24
CA ALA A 59 5.62 -23.14 12.32
C ALA A 59 4.97 -23.71 11.07
N LYS A 60 5.30 -24.94 10.67
CA LYS A 60 4.74 -25.52 9.46
C LYS A 60 3.23 -25.67 9.54
N LYS A 61 2.69 -25.80 10.76
CA LYS A 61 1.24 -25.85 10.96
C LYS A 61 0.56 -24.63 10.36
N LEU A 62 1.26 -23.52 10.32
CA LEU A 62 0.61 -22.30 9.90
C LEU A 62 0.40 -22.29 8.39
N PRO A 63 -0.66 -21.63 7.94
CA PRO A 63 -0.92 -21.54 6.49
C PRO A 63 0.02 -20.52 5.87
N GLY A 64 0.88 -20.98 4.97
CA GLY A 64 1.86 -20.14 4.32
C GLY A 64 3.29 -20.53 4.66
N VAL A 65 3.50 -21.12 5.82
CA VAL A 65 4.78 -21.74 6.13
C VAL A 65 4.76 -23.14 5.57
N GLY A 66 5.74 -23.47 4.72
CA GLY A 66 5.85 -24.81 4.19
C GLY A 66 7.20 -25.44 4.52
N THR A 67 7.61 -26.42 3.70
CA THR A 67 8.77 -27.24 4.03
C THR A 67 10.06 -26.43 4.07
N LYS A 68 10.31 -25.64 3.02
CA LYS A 68 11.62 -25.03 2.91
C LYS A 68 11.81 -23.96 3.97
N ILE A 69 10.74 -23.23 4.29
CA ILE A 69 10.81 -22.21 5.32
C ILE A 69 11.01 -22.84 6.70
N ALA A 70 10.31 -23.94 6.99
CA ALA A 70 10.53 -24.62 8.27
C ALA A 70 11.97 -25.10 8.38
N GLU A 71 12.55 -25.59 7.29
CA GLU A 71 13.99 -25.88 7.26
C GLU A 71 14.82 -24.64 7.55
N LYS A 72 14.47 -23.50 6.95
CA LYS A 72 15.20 -22.29 7.28
C LYS A 72 14.96 -21.91 8.74
N ILE A 73 13.76 -22.20 9.25
CA ILE A 73 13.47 -21.86 10.63
C ILE A 73 14.30 -22.74 11.58
N ASP A 74 14.41 -24.03 11.26
CA ASP A 74 15.31 -24.92 12.01
C ASP A 74 16.76 -24.43 11.95
N GLU A 75 17.21 -23.96 10.78
CA GLU A 75 18.60 -23.50 10.69
C GLU A 75 18.83 -22.28 11.56
N PHE A 76 17.94 -21.30 11.47
CA PHE A 76 18.11 -20.08 12.25
C PHE A 76 18.00 -20.34 13.75
N LEU A 77 17.04 -21.18 14.17
CA LEU A 77 16.89 -21.46 15.59
C LEU A 77 18.16 -22.10 16.16
N ALA A 78 18.84 -22.94 15.38
CA ALA A 78 20.01 -23.67 15.84
C ALA A 78 21.29 -22.82 15.78
N THR A 79 21.49 -22.10 14.68
CA THR A 79 22.72 -21.32 14.48
C THR A 79 22.56 -19.84 14.77
N GLY A 80 21.33 -19.31 14.83
CA GLY A 80 21.15 -17.87 14.95
C GLY A 80 21.43 -17.06 13.69
N LYS A 81 21.73 -17.73 12.58
CA LYS A 81 21.98 -17.11 11.27
C LYS A 81 21.30 -17.96 10.20
N LEU A 82 21.26 -17.45 8.97
CA LEU A 82 20.80 -18.25 7.84
C LEU A 82 21.86 -18.17 6.76
N ARG A 83 22.58 -19.28 6.54
CA ARG A 83 23.64 -19.36 5.54
C ARG A 83 23.26 -18.72 4.20
N LYS A 84 22.07 -19.07 3.69
CA LYS A 84 21.60 -18.48 2.43
C LYS A 84 21.63 -16.96 2.51
N LEU A 85 21.10 -16.37 3.58
CA LEU A 85 21.04 -14.90 3.72
C LEU A 85 22.43 -14.31 3.95
N GLU A 86 23.28 -15.01 4.69
CA GLU A 86 24.63 -14.48 4.87
C GLU A 86 25.36 -14.41 3.54
N LYS A 87 25.11 -15.36 2.64
CA LYS A 87 25.72 -15.25 1.31
C LYS A 87 25.20 -14.01 0.58
N ILE A 88 23.88 -13.86 0.54
CA ILE A 88 23.25 -12.72 -0.14
C ILE A 88 23.77 -11.40 0.39
N ARG A 89 23.91 -11.26 1.72
CA ARG A 89 24.37 -10.00 2.29
C ARG A 89 25.80 -9.65 1.88
N GLN A 90 26.63 -10.65 1.54
CA GLN A 90 28.01 -10.41 1.17
C GLN A 90 28.22 -10.27 -0.32
N ASP A 91 27.18 -10.47 -1.12
CA ASP A 91 27.29 -10.24 -2.55
C ASP A 91 27.01 -8.75 -2.80
N ASP A 92 28.00 -8.05 -3.36
CA ASP A 92 27.85 -6.61 -3.50
C ASP A 92 26.78 -6.23 -4.52
N THR A 93 26.61 -7.05 -5.56
CA THR A 93 25.55 -6.78 -6.54
C THR A 93 24.18 -6.93 -5.88
N SER A 94 23.99 -7.96 -5.06
CA SER A 94 22.70 -8.15 -4.41
C SER A 94 22.36 -7.00 -3.47
N SER A 95 23.37 -6.43 -2.83
CA SER A 95 23.15 -5.35 -1.89
C SER A 95 22.88 -4.03 -2.62
N SER A 96 23.69 -3.72 -3.62
CA SER A 96 23.46 -2.50 -4.39
C SER A 96 22.08 -2.53 -5.06
N ILE A 97 21.70 -3.65 -5.67
CA ILE A 97 20.43 -3.70 -6.37
C ILE A 97 19.28 -3.53 -5.41
N ASN A 98 19.34 -4.23 -4.26
CA ASN A 98 18.33 -4.07 -3.19
C ASN A 98 18.26 -2.61 -2.72
N PHE A 99 19.41 -1.99 -2.46
CA PHE A 99 19.36 -0.63 -1.95
C PHE A 99 18.70 0.33 -2.94
N LEU A 100 19.03 0.20 -4.23
CA LEU A 100 18.54 1.14 -5.23
C LEU A 100 17.03 1.08 -5.39
N THR A 101 16.41 -0.11 -5.23
CA THR A 101 14.97 -0.20 -5.41
C THR A 101 14.23 0.60 -4.36
N ARG A 102 14.88 0.93 -3.25
CA ARG A 102 14.30 1.78 -2.22
C ARG A 102 13.96 3.17 -2.76
N VAL A 103 14.45 3.53 -3.93
CA VAL A 103 14.08 4.79 -4.56
C VAL A 103 12.77 4.60 -5.31
N SER A 104 11.74 5.34 -4.92
CA SER A 104 10.48 5.25 -5.62
C SER A 104 10.68 5.58 -7.10
N GLY A 105 10.22 4.67 -7.95
CA GLY A 105 10.43 4.76 -9.37
C GLY A 105 11.55 3.87 -9.87
N ILE A 106 12.37 3.36 -8.98
CA ILE A 106 13.43 2.42 -9.33
C ILE A 106 12.96 1.05 -8.90
N GLY A 107 12.70 0.19 -9.87
CA GLY A 107 12.31 -1.17 -9.60
C GLY A 107 13.46 -2.13 -9.86
N PRO A 108 13.20 -3.43 -9.76
CA PRO A 108 14.27 -4.41 -10.00
C PRO A 108 14.95 -4.26 -11.35
N SER A 109 14.21 -3.89 -12.39
CA SER A 109 14.81 -3.78 -13.71
C SER A 109 15.77 -2.60 -13.78
N ALA A 110 15.32 -1.41 -13.39
CA ALA A 110 16.17 -0.22 -13.42
C ALA A 110 17.33 -0.36 -12.44
N ALA A 111 17.07 -0.87 -11.23
CA ALA A 111 18.14 -1.14 -10.26
C ALA A 111 19.26 -1.98 -10.86
N ARG A 112 18.91 -3.11 -11.48
CA ARG A 112 19.95 -3.95 -12.05
C ARG A 112 20.65 -3.25 -13.21
N LYS A 113 19.91 -2.56 -14.06
CA LYS A 113 20.59 -1.81 -15.14
C LYS A 113 21.58 -0.83 -14.50
N PHE A 114 21.10 -0.05 -13.54
CA PHE A 114 21.98 0.95 -12.96
C PHE A 114 23.24 0.29 -12.41
N VAL A 115 23.08 -0.75 -11.60
CA VAL A 115 24.23 -1.37 -10.93
C VAL A 115 25.18 -2.00 -11.93
N ASP A 116 24.67 -2.52 -13.05
CA ASP A 116 25.54 -3.09 -14.07
C ASP A 116 26.46 -2.04 -14.71
N GLU A 117 26.05 -0.77 -14.73
CA GLU A 117 26.95 0.27 -15.24
C GLU A 117 27.55 1.08 -14.10
N GLY A 118 27.86 0.42 -13.00
CA GLY A 118 28.53 1.04 -11.86
C GLY A 118 27.81 2.22 -11.24
N ILE A 119 26.49 2.17 -11.17
CA ILE A 119 25.70 3.18 -10.47
C ILE A 119 25.06 2.49 -9.27
N LYS A 120 25.60 2.72 -8.07
CA LYS A 120 25.28 1.92 -6.89
C LYS A 120 24.76 2.71 -5.68
N THR A 121 25.15 3.96 -5.54
CA THR A 121 24.84 4.74 -4.34
C THR A 121 23.94 5.92 -4.67
N LEU A 122 23.38 6.53 -3.62
CA LEU A 122 22.60 7.75 -3.82
C LEU A 122 23.45 8.80 -4.52
N GLU A 123 24.72 8.91 -4.14
CA GLU A 123 25.62 9.83 -4.80
C GLU A 123 25.71 9.52 -6.30
N ASP A 124 25.88 8.25 -6.64
CA ASP A 124 25.96 7.87 -8.05
C ASP A 124 24.74 8.35 -8.82
N LEU A 125 23.54 8.14 -8.25
CA LEU A 125 22.31 8.63 -8.86
C LEU A 125 22.33 10.14 -9.02
N ARG A 126 22.78 10.86 -7.98
CA ARG A 126 22.89 12.32 -8.02
C ARG A 126 23.76 12.80 -9.18
N LYS A 127 24.92 12.16 -9.39
CA LYS A 127 25.79 12.49 -10.52
C LYS A 127 25.09 12.28 -11.85
N ASN A 128 24.17 11.32 -11.90
CA ASN A 128 23.57 10.94 -13.19
C ASN A 128 22.07 11.25 -13.27
N GLU A 129 21.61 12.38 -12.71
CA GLU A 129 20.20 12.73 -12.86
C GLU A 129 19.76 12.73 -14.32
N ASP A 130 20.71 12.91 -15.24
CA ASP A 130 20.37 12.82 -16.68
C ASP A 130 19.81 11.44 -17.01
N LYS A 131 20.22 10.41 -16.26
CA LYS A 131 19.83 9.04 -16.53
C LYS A 131 18.58 8.60 -15.77
N LEU A 132 17.92 9.52 -15.08
CA LEU A 132 16.70 9.22 -14.33
C LEU A 132 15.49 9.80 -15.05
N ASN A 133 14.35 9.12 -14.93
CA ASN A 133 13.09 9.71 -15.35
C ASN A 133 12.55 10.57 -14.21
N HIS A 134 11.38 11.19 -14.44
CA HIS A 134 10.88 12.23 -13.52
C HIS A 134 10.49 11.66 -12.17
N HIS A 135 9.67 10.60 -12.19
CA HIS A 135 9.33 9.88 -10.96
C HIS A 135 10.58 9.58 -10.14
N GLN A 136 11.64 9.11 -10.81
CA GLN A 136 12.82 8.63 -10.09
C GLN A 136 13.58 9.78 -9.43
N ARG A 137 13.70 10.92 -10.15
CA ARG A 137 14.26 12.12 -9.53
C ARG A 137 13.44 12.57 -8.34
N ILE A 138 12.11 12.51 -8.43
CA ILE A 138 11.34 12.83 -7.23
C ILE A 138 11.66 11.81 -6.14
N GLY A 139 11.70 10.51 -6.48
CA GLY A 139 12.06 9.50 -5.50
C GLY A 139 13.42 9.76 -4.86
N LEU A 140 14.42 10.13 -5.66
CA LEU A 140 15.73 10.45 -5.11
C LEU A 140 15.65 11.66 -4.20
N LYS A 141 15.07 12.76 -4.71
CA LYS A 141 14.90 13.99 -3.94
C LYS A 141 14.33 13.74 -2.55
N TYR A 142 13.33 12.86 -2.42
CA TYR A 142 12.67 12.67 -1.14
C TYR A 142 13.03 11.33 -0.50
N PHE A 143 14.23 10.82 -0.75
CA PHE A 143 14.56 9.45 -0.38
C PHE A 143 14.26 9.19 1.08
N GLY A 144 14.79 10.04 1.97
CA GLY A 144 14.59 9.86 3.40
C GLY A 144 13.17 10.14 3.83
N ASP A 145 12.62 11.26 3.36
CA ASP A 145 11.23 11.60 3.65
C ASP A 145 10.27 10.44 3.33
N PHE A 146 10.44 9.81 2.16
CA PHE A 146 9.47 8.80 1.74
C PHE A 146 9.52 7.53 2.60
N GLU A 147 10.59 7.33 3.38
CA GLU A 147 10.68 6.17 4.26
C GLU A 147 10.29 6.49 5.70
N LYS A 148 9.86 7.72 5.98
CA LYS A 148 9.36 8.07 7.30
C LYS A 148 7.86 7.77 7.39
N ARG A 149 7.42 7.36 8.58
CA ARG A 149 6.00 7.14 8.78
C ARG A 149 5.31 8.48 9.09
N ILE A 150 3.99 8.43 9.10
CA ILE A 150 3.20 9.65 9.23
C ILE A 150 2.34 9.49 10.47
N PRO A 151 2.61 10.22 11.55
CA PRO A 151 1.78 10.07 12.76
C PRO A 151 0.35 10.49 12.45
N ARG A 152 -0.59 9.79 13.08
CA ARG A 152 -2.01 10.02 12.80
C ARG A 152 -2.39 11.48 12.99
N GLU A 153 -1.84 12.14 14.00
CA GLU A 153 -2.21 13.54 14.21
C GLU A 153 -1.84 14.40 13.00
N GLU A 154 -0.77 14.03 12.29
CA GLU A 154 -0.47 14.68 11.02
C GLU A 154 -1.48 14.29 9.95
N MET A 155 -1.90 13.02 9.95
CA MET A 155 -2.87 12.58 8.95
C MET A 155 -4.15 13.40 9.07
N LEU A 156 -4.65 13.57 10.32
CA LEU A 156 -5.85 14.35 10.56
C LEU A 156 -5.71 15.78 10.01
N GLN A 157 -4.54 16.39 10.21
CA GLN A 157 -4.27 17.71 9.63
C GLN A 157 -4.36 17.65 8.12
N MET A 158 -3.71 16.65 7.52
CA MET A 158 -3.72 16.51 6.07
C MET A 158 -5.15 16.33 5.54
N GLN A 159 -5.96 15.55 6.25
CA GLN A 159 -7.35 15.35 5.85
C GLN A 159 -8.11 16.66 5.89
N ASP A 160 -7.93 17.44 6.96
CA ASP A 160 -8.57 18.76 7.02
C ASP A 160 -8.23 19.59 5.80
N ILE A 161 -6.95 19.63 5.42
CA ILE A 161 -6.56 20.43 4.26
C ILE A 161 -7.22 19.91 2.98
N VAL A 162 -7.17 18.60 2.74
CA VAL A 162 -7.73 18.08 1.48
C VAL A 162 -9.24 18.25 1.45
N LEU A 163 -9.94 17.88 2.53
CA LEU A 163 -11.41 17.93 2.50
C LEU A 163 -11.92 19.35 2.29
N ASN A 164 -11.31 20.34 2.96
CA ASN A 164 -11.77 21.72 2.86
C ASN A 164 -11.43 22.32 1.50
N GLU A 165 -10.28 21.99 0.94
CA GLU A 165 -9.98 22.52 -0.40
C GLU A 165 -10.87 21.88 -1.46
N VAL A 166 -11.25 20.62 -1.25
CA VAL A 166 -12.13 19.94 -2.20
C VAL A 166 -13.53 20.53 -2.15
N LYS A 167 -14.08 20.70 -0.95
CA LYS A 167 -15.37 21.38 -0.82
C LYS A 167 -15.33 22.79 -1.38
N LYS A 168 -14.17 23.45 -1.33
CA LYS A 168 -14.02 24.79 -1.86
C LYS A 168 -14.26 24.82 -3.38
N VAL A 169 -13.82 23.78 -4.08
CA VAL A 169 -13.96 23.74 -5.53
C VAL A 169 -15.38 23.42 -5.95
N ASP A 170 -16.06 22.57 -5.19
CA ASP A 170 -17.43 22.11 -5.48
C ASP A 170 -17.98 21.44 -4.23
N SER A 171 -19.16 21.90 -3.78
CA SER A 171 -19.81 21.28 -2.64
C SER A 171 -20.13 19.81 -2.88
N GLU A 172 -20.17 19.39 -4.15
CA GLU A 172 -20.71 18.10 -4.55
C GLU A 172 -19.65 17.01 -4.69
N TYR A 173 -18.37 17.36 -4.63
CA TYR A 173 -17.33 16.36 -4.50
C TYR A 173 -17.58 15.54 -3.24
N ILE A 174 -17.06 14.32 -3.23
CA ILE A 174 -16.96 13.51 -2.02
C ILE A 174 -15.53 13.01 -1.96
N ALA A 175 -14.86 13.30 -0.86
CA ALA A 175 -13.48 12.87 -0.66
C ALA A 175 -13.41 12.04 0.61
N THR A 176 -12.75 10.90 0.53
CA THR A 176 -12.50 10.04 1.68
C THR A 176 -11.04 9.64 1.73
N VAL A 177 -10.40 9.89 2.86
CA VAL A 177 -9.09 9.29 3.10
C VAL A 177 -9.29 7.85 3.56
N CYS A 178 -8.63 6.91 2.89
CA CYS A 178 -8.83 5.49 3.14
C CYS A 178 -7.56 4.88 3.71
N GLY A 179 -7.32 3.61 3.43
CA GLY A 179 -6.13 2.96 3.97
C GLY A 179 -6.26 2.71 5.47
N SER A 180 -5.14 2.28 6.07
CA SER A 180 -5.12 1.99 7.49
C SER A 180 -5.58 3.19 8.30
N PHE A 181 -5.33 4.41 7.80
CA PHE A 181 -5.75 5.62 8.51
C PHE A 181 -7.24 5.58 8.83
N ARG A 182 -8.08 5.29 7.82
CA ARG A 182 -9.51 5.25 8.07
C ARG A 182 -9.87 4.17 9.09
N ARG A 183 -9.01 3.18 9.29
CA ARG A 183 -9.30 2.13 10.25
C ARG A 183 -8.84 2.48 11.66
N GLY A 184 -8.49 3.74 11.91
CA GLY A 184 -8.00 4.15 13.21
C GLY A 184 -6.50 4.03 13.41
N ALA A 185 -5.74 3.69 12.38
CA ALA A 185 -4.33 3.38 12.57
C ALA A 185 -3.59 4.55 13.19
N GLU A 186 -2.59 4.21 14.01
CA GLU A 186 -1.85 5.22 14.75
C GLU A 186 -0.84 5.95 13.86
N SER A 187 -0.29 5.28 12.85
CA SER A 187 0.52 5.95 11.83
C SER A 187 0.10 5.47 10.43
N SER A 188 0.63 6.14 9.42
CA SER A 188 0.33 5.87 8.02
C SER A 188 1.63 5.87 7.22
N GLY A 189 1.66 5.06 6.17
CA GLY A 189 2.77 5.16 5.23
C GLY A 189 2.63 6.26 4.20
N ASP A 190 1.39 6.59 3.83
CA ASP A 190 1.11 7.60 2.82
C ASP A 190 -0.34 8.04 3.01
N MET A 191 -0.78 8.90 2.09
CA MET A 191 -2.18 9.40 2.13
C MET A 191 -2.88 8.94 0.84
N ASP A 192 -3.98 8.21 0.97
CA ASP A 192 -4.73 7.67 -0.18
C ASP A 192 -6.14 8.24 -0.18
N VAL A 193 -6.47 9.02 -1.19
CA VAL A 193 -7.70 9.80 -1.20
C VAL A 193 -8.59 9.32 -2.33
N LEU A 194 -9.83 8.96 -1.98
CA LEU A 194 -10.83 8.49 -2.92
C LEU A 194 -11.81 9.63 -3.16
N LEU A 195 -11.98 10.00 -4.42
CA LEU A 195 -12.76 11.18 -4.80
C LEU A 195 -13.83 10.78 -5.80
N THR A 196 -15.00 11.39 -5.68
CA THR A 196 -16.02 11.22 -6.70
C THR A 196 -16.87 12.47 -6.76
N HIS A 197 -17.70 12.54 -7.78
CA HIS A 197 -18.58 13.66 -8.08
C HIS A 197 -19.83 13.07 -8.70
N PRO A 198 -21.03 13.49 -8.29
CA PRO A 198 -22.26 12.85 -8.79
C PRO A 198 -22.43 12.95 -10.30
N SER A 199 -21.69 13.86 -10.94
CA SER A 199 -21.74 14.04 -12.41
C SER A 199 -20.94 12.95 -13.14
N PHE A 200 -20.07 12.26 -12.43
CA PHE A 200 -19.20 11.27 -13.05
C PHE A 200 -19.69 9.87 -12.65
N THR A 201 -20.23 9.14 -13.62
CA THR A 201 -20.76 7.78 -13.46
C THR A 201 -19.97 6.81 -14.34
N SER A 202 -20.31 5.53 -14.23
CA SER A 202 -19.63 4.47 -14.99
C SER A 202 -19.81 4.64 -16.51
N GLU A 203 -20.90 5.23 -16.98
CA GLU A 203 -21.14 5.47 -18.39
C GLU A 203 -21.15 6.95 -18.70
N SER A 204 -20.45 7.73 -17.86
CA SER A 204 -20.33 9.19 -18.05
C SER A 204 -19.20 9.70 -17.16
N GLN A 207 -16.17 14.15 -16.26
CA GLN A 207 -15.43 15.02 -17.16
C GLN A 207 -13.91 14.76 -17.19
N PRO A 208 -13.26 15.22 -18.27
CA PRO A 208 -11.79 15.24 -18.31
C PRO A 208 -11.13 16.27 -17.39
N LYS A 209 -11.87 17.10 -16.66
CA LYS A 209 -11.27 18.09 -15.76
C LYS A 209 -11.61 17.86 -14.28
N LEU A 210 -12.30 16.78 -13.94
CA LEU A 210 -12.84 16.65 -12.59
C LEU A 210 -11.74 16.43 -11.55
N LEU A 211 -10.73 15.62 -11.89
CA LEU A 211 -9.60 15.40 -11.00
C LEU A 211 -8.63 16.56 -11.05
N HIS A 212 -8.40 17.11 -12.25
CA HIS A 212 -7.41 18.17 -12.43
C HIS A 212 -7.74 19.39 -11.57
N GLN A 213 -9.02 19.79 -11.53
CA GLN A 213 -9.46 20.92 -10.70
C GLN A 213 -9.03 20.78 -9.24
N VAL A 214 -9.16 19.58 -8.67
CA VAL A 214 -8.80 19.36 -7.29
C VAL A 214 -7.29 19.36 -7.10
N VAL A 215 -6.55 18.80 -8.08
CA VAL A 215 -5.10 18.84 -8.04
C VAL A 215 -4.60 20.28 -8.14
N GLU A 216 -5.31 21.12 -8.90
CA GLU A 216 -4.89 22.52 -9.05
C GLU A 216 -5.05 23.27 -7.73
N GLN A 217 -6.25 23.23 -7.16
CA GLN A 217 -6.48 23.88 -5.88
C GLN A 217 -5.42 23.48 -4.87
N LEU A 218 -5.17 22.17 -4.76
CA LEU A 218 -4.20 21.67 -3.79
C LEU A 218 -2.79 22.19 -4.08
N GLN A 219 -2.45 22.39 -5.35
CA GLN A 219 -1.17 23.03 -5.64
C GLN A 219 -1.18 24.50 -5.25
N LYS A 220 -2.31 25.19 -5.40
CA LYS A 220 -2.31 26.64 -5.20
C LYS A 220 -2.22 27.02 -3.72
N VAL A 221 -2.75 26.18 -2.82
CA VAL A 221 -2.58 26.41 -1.39
C VAL A 221 -1.27 25.78 -0.94
N HIS A 222 -0.42 25.43 -1.91
CA HIS A 222 0.91 24.86 -1.65
C HIS A 222 0.85 23.61 -0.75
N PHE A 223 -0.19 22.80 -0.91
CA PHE A 223 -0.20 21.50 -0.23
C PHE A 223 0.52 20.43 -1.05
N ILE A 224 0.14 20.24 -2.31
CA ILE A 224 0.86 19.36 -3.23
C ILE A 224 2.09 20.10 -3.73
N THR A 225 3.25 19.46 -3.63
CA THR A 225 4.52 20.06 -4.05
C THR A 225 5.12 19.43 -5.30
N ASP A 226 4.80 18.19 -5.58
CA ASP A 226 5.33 17.50 -6.78
C ASP A 226 4.32 16.51 -7.34
N THR A 227 4.49 16.17 -8.62
CA THR A 227 3.62 15.22 -9.31
C THR A 227 4.47 14.05 -9.80
N LEU A 228 4.09 12.84 -9.40
CA LEU A 228 4.78 11.68 -9.95
C LEU A 228 4.10 11.20 -11.22
N SER A 229 2.78 11.35 -11.28
CA SER A 229 1.99 10.89 -12.41
C SER A 229 0.61 11.49 -12.25
N LYS A 230 0.02 11.93 -13.37
CA LYS A 230 -1.34 12.45 -13.30
C LYS A 230 -2.03 12.11 -14.61
N GLY A 231 -3.20 11.49 -14.51
CA GLY A 231 -4.06 11.31 -15.66
C GLY A 231 -5.46 11.77 -15.33
N GLU A 232 -6.46 11.30 -16.07
CA GLU A 232 -7.83 11.74 -15.83
C GLU A 232 -8.50 11.05 -14.63
N THR A 233 -7.95 9.96 -14.11
CA THR A 233 -8.57 9.32 -12.95
C THR A 233 -7.62 9.02 -11.79
N LYS A 234 -6.31 9.03 -12.00
CA LYS A 234 -5.35 8.74 -10.94
C LYS A 234 -4.29 9.83 -10.89
N PHE A 235 -4.06 10.39 -9.71
CA PHE A 235 -2.97 11.32 -9.45
C PHE A 235 -2.06 10.71 -8.41
N MET A 236 -0.76 10.74 -8.67
CA MET A 236 0.21 10.28 -7.66
C MET A 236 1.27 11.37 -7.50
N GLY A 237 1.58 11.72 -6.25
CA GLY A 237 2.46 12.85 -6.02
C GLY A 237 2.86 13.01 -4.57
N VAL A 238 3.30 14.22 -4.26
CA VAL A 238 3.95 14.57 -3.00
C VAL A 238 3.23 15.76 -2.41
N CYS A 239 3.15 15.81 -1.09
CA CYS A 239 2.51 16.91 -0.38
C CYS A 239 3.31 17.25 0.86
N GLN A 240 2.94 18.36 1.53
CA GLN A 240 3.61 18.73 2.78
C GLN A 240 2.73 19.65 3.61
N LEU A 241 2.53 19.29 4.88
CA LEU A 241 1.80 20.13 5.82
C LEU A 241 2.53 21.46 6.01
N PRO A 242 1.81 22.56 6.19
CA PRO A 242 2.48 23.86 6.29
C PRO A 242 3.30 23.98 7.56
N SER A 243 4.47 24.59 7.46
CA SER A 243 5.34 24.73 8.65
C SER A 243 5.22 26.13 9.24
N LYS A 244 5.51 26.28 10.55
CA LYS A 244 5.53 27.61 11.14
C LYS A 244 6.72 28.33 10.55
N ASN A 245 6.52 29.57 10.10
CA ASN A 245 7.69 30.35 9.64
C ASN A 245 8.82 30.06 10.65
N ASP A 246 8.46 29.95 11.93
CA ASP A 246 9.45 29.57 12.97
C ASP A 246 9.31 28.16 13.54
N GLU A 247 9.70 27.10 12.82
CA GLU A 247 9.75 25.74 13.36
C GLU A 247 10.16 24.82 12.21
N LYS A 248 10.69 23.64 12.58
CA LYS A 248 11.24 22.73 11.59
C LYS A 248 10.18 22.31 10.58
N GLU A 249 10.60 22.24 9.32
CA GLU A 249 9.66 21.89 8.22
C GLU A 249 9.21 20.43 8.33
N TYR A 250 7.93 20.17 8.11
CA TYR A 250 7.39 18.79 8.16
C TYR A 250 8.00 17.98 6.99
N PRO A 251 8.08 16.65 7.09
CA PRO A 251 8.58 15.86 5.99
C PRO A 251 7.58 15.76 4.83
N HIS A 252 8.06 15.85 3.58
CA HIS A 252 7.17 15.65 2.44
C HIS A 252 6.59 14.23 2.45
N ARG A 253 5.33 14.10 2.05
CA ARG A 253 4.59 12.86 2.13
C ARG A 253 4.06 12.44 0.75
N ARG A 254 3.81 11.15 0.62
CA ARG A 254 3.22 10.60 -0.60
C ARG A 254 1.72 10.63 -0.47
N ILE A 255 1.10 11.23 -1.49
CA ILE A 255 -0.39 11.31 -1.57
C ILE A 255 -0.86 10.83 -2.94
N ASP A 256 -1.85 9.95 -2.95
CA ASP A 256 -2.53 9.52 -4.17
C ASP A 256 -3.96 10.01 -4.10
N ILE A 257 -4.48 10.45 -5.25
CA ILE A 257 -5.88 10.84 -5.37
C ILE A 257 -6.48 10.11 -6.55
N ARG A 258 -7.54 9.35 -6.28
CA ARG A 258 -8.20 8.48 -7.25
C ARG A 258 -9.61 9.01 -7.47
N LEU A 259 -9.95 9.31 -8.73
CA LEU A 259 -11.31 9.71 -9.07
C LEU A 259 -12.10 8.48 -9.55
N ILE A 260 -13.27 8.26 -8.95
CA ILE A 260 -14.03 7.02 -9.15
C ILE A 260 -15.45 7.39 -9.55
N PRO A 261 -16.08 6.63 -10.46
CA PRO A 261 -17.51 6.83 -10.74
C PRO A 261 -18.36 6.74 -9.48
N LYS A 262 -19.35 7.64 -9.37
CA LYS A 262 -20.17 7.69 -8.16
C LYS A 262 -20.82 6.36 -7.83
N ASP A 263 -21.23 5.60 -8.85
CA ASP A 263 -21.89 4.33 -8.61
C ASP A 263 -20.92 3.19 -8.28
N GLN A 264 -19.61 3.42 -8.40
CA GLN A 264 -18.61 2.48 -7.92
C GLN A 264 -17.83 3.06 -6.75
N TYR A 265 -18.31 4.16 -6.17
CA TYR A 265 -17.53 4.85 -5.13
C TYR A 265 -17.48 4.04 -3.84
N TYR A 266 -18.62 3.64 -3.32
CA TYR A 266 -18.61 3.00 -2.01
C TYR A 266 -17.97 1.61 -2.04
N CYS A 267 -17.99 0.94 -3.21
CA CYS A 267 -17.16 -0.26 -3.33
C CYS A 267 -15.68 0.09 -3.33
N GLY A 268 -15.32 1.26 -3.88
CA GLY A 268 -13.93 1.67 -3.86
C GLY A 268 -13.47 1.95 -2.43
N VAL A 269 -14.26 2.73 -1.69
CA VAL A 269 -13.96 3.05 -0.29
C VAL A 269 -13.82 1.77 0.53
N LEU A 270 -14.83 0.90 0.45
CA LEU A 270 -14.75 -0.39 1.13
C LEU A 270 -13.48 -1.13 0.76
N TYR A 271 -13.11 -1.08 -0.52
CA TYR A 271 -11.95 -1.84 -0.96
C TYR A 271 -10.65 -1.23 -0.44
N PHE A 272 -10.48 0.07 -0.63
CA PHE A 272 -9.19 0.67 -0.29
C PHE A 272 -9.06 0.99 1.20
N THR A 273 -10.12 0.73 1.98
CA THR A 273 -10.07 0.81 3.42
C THR A 273 -9.64 -0.51 4.04
N GLY A 274 -9.97 -1.64 3.41
CA GLY A 274 -9.41 -2.92 3.82
C GLY A 274 -9.76 -3.29 5.26
N SER A 275 -8.87 -4.07 5.89
CA SER A 275 -7.55 -4.51 5.44
C SER A 275 -7.65 -5.58 4.37
N ASP A 276 -6.49 -6.01 3.88
CA ASP A 276 -6.41 -7.04 2.85
C ASP A 276 -7.03 -8.34 3.32
N ILE A 277 -6.87 -8.68 4.59
CA ILE A 277 -7.42 -9.96 5.09
C ILE A 277 -8.93 -9.79 5.29
N PHE A 278 -9.36 -8.62 5.75
CA PHE A 278 -10.81 -8.37 5.90
C PHE A 278 -11.44 -8.47 4.51
N ASN A 279 -10.87 -7.78 3.53
CA ASN A 279 -11.35 -7.90 2.15
C ASN A 279 -11.55 -9.37 1.78
N LYS A 280 -10.56 -10.20 2.11
CA LYS A 280 -10.65 -11.64 1.76
C LYS A 280 -11.84 -12.27 2.48
N ASN A 281 -12.03 -11.94 3.76
CA ASN A 281 -13.19 -12.49 4.52
C ASN A 281 -14.50 -12.01 3.90
N MET A 282 -14.64 -10.71 3.67
CA MET A 282 -15.92 -10.20 3.17
C MET A 282 -16.26 -10.80 1.81
N ARG A 283 -15.26 -10.97 0.95
CA ARG A 283 -15.50 -11.54 -0.40
C ARG A 283 -15.86 -13.02 -0.25
N ALA A 284 -15.15 -13.73 0.62
CA ALA A 284 -15.44 -15.14 0.85
C ALA A 284 -16.88 -15.31 1.34
N HIS A 285 -17.27 -14.60 2.41
CA HIS A 285 -18.63 -14.72 2.90
C HIS A 285 -19.65 -14.34 1.83
N ALA A 286 -19.37 -13.27 1.07
CA ALA A 286 -20.33 -12.82 0.07
C ALA A 286 -20.50 -13.85 -1.03
N LEU A 287 -19.40 -14.50 -1.45
CA LEU A 287 -19.47 -15.51 -2.49
C LEU A 287 -20.41 -16.65 -2.09
N GLU A 288 -20.22 -17.19 -0.88
CA GLU A 288 -21.09 -18.27 -0.46
C GLU A 288 -22.38 -17.77 0.16
N LYS A 289 -22.74 -16.52 -0.14
CA LYS A 289 -24.05 -15.96 0.22
C LYS A 289 -24.74 -15.60 -1.10
N GLY A 290 -24.09 -15.90 -2.24
CA GLY A 290 -24.69 -15.67 -3.55
C GLY A 290 -24.32 -14.37 -4.25
N PHE A 291 -23.26 -13.68 -3.82
CA PHE A 291 -22.83 -12.45 -4.44
C PHE A 291 -21.33 -12.48 -4.68
N THR A 292 -20.87 -11.70 -5.65
CA THR A 292 -19.45 -11.51 -5.86
C THR A 292 -19.15 -10.02 -5.72
N ILE A 293 -18.12 -9.69 -4.92
CA ILE A 293 -17.71 -8.32 -4.66
C ILE A 293 -16.31 -8.12 -5.24
N ASN A 294 -16.16 -7.10 -6.08
CA ASN A 294 -14.82 -6.66 -6.44
C ASN A 294 -14.63 -5.16 -6.11
N GLU A 295 -13.49 -4.62 -6.54
CA GLU A 295 -13.15 -3.23 -6.25
C GLU A 295 -14.30 -2.29 -6.63
N TYR A 296 -14.93 -2.54 -7.77
CA TYR A 296 -15.92 -1.65 -8.37
C TYR A 296 -17.36 -1.98 -7.99
N THR A 297 -17.75 -3.25 -7.92
CA THR A 297 -19.17 -3.57 -7.81
C THR A 297 -19.43 -4.78 -6.92
N ILE A 298 -20.69 -4.91 -6.50
CA ILE A 298 -21.24 -6.16 -5.98
C ILE A 298 -22.36 -6.61 -6.91
N ARG A 299 -22.28 -7.86 -7.37
CA ARG A 299 -23.19 -8.43 -8.35
C ARG A 299 -23.78 -9.73 -7.80
N PRO A 300 -25.04 -10.03 -8.13
CA PRO A 300 -25.60 -11.33 -7.71
C PRO A 300 -25.00 -12.46 -8.51
N LEU A 301 -24.77 -13.59 -7.83
CA LEU A 301 -24.21 -14.79 -8.44
C LEU A 301 -25.31 -15.80 -8.75
N GLY A 302 -25.38 -16.22 -10.02
CA GLY A 302 -26.41 -17.16 -10.46
C GLY A 302 -26.18 -18.56 -9.93
N VAL A 303 -27.18 -19.43 -10.15
CA VAL A 303 -27.10 -20.79 -9.60
C VAL A 303 -25.98 -21.60 -10.28
N THR A 304 -25.54 -21.19 -11.47
CA THR A 304 -24.40 -21.78 -12.17
C THR A 304 -23.12 -20.98 -11.98
N GLY A 305 -23.19 -19.80 -11.37
CA GLY A 305 -22.02 -18.97 -11.14
C GLY A 305 -21.86 -17.79 -12.08
N VAL A 306 -22.87 -17.44 -12.86
CA VAL A 306 -22.80 -16.32 -13.81
C VAL A 306 -23.19 -15.04 -13.08
N ALA A 307 -22.25 -14.10 -13.02
CA ALA A 307 -22.51 -12.85 -12.31
C ALA A 307 -23.49 -11.99 -13.09
N GLY A 308 -24.54 -11.51 -12.40
CA GLY A 308 -25.51 -10.64 -13.01
C GLY A 308 -25.06 -9.19 -13.06
N GLU A 309 -26.04 -8.28 -13.12
CA GLU A 309 -25.74 -6.87 -13.25
C GLU A 309 -25.39 -6.24 -11.89
N PRO A 310 -24.53 -5.22 -11.88
CA PRO A 310 -24.20 -4.55 -10.61
C PRO A 310 -25.43 -4.02 -9.88
N LEU A 311 -25.38 -4.11 -8.55
CA LEU A 311 -26.45 -3.70 -7.64
C LEU A 311 -26.25 -2.24 -7.18
N PRO A 312 -27.31 -1.45 -7.02
CA PRO A 312 -27.13 -0.06 -6.62
C PRO A 312 -26.54 0.04 -5.21
N VAL A 313 -25.47 0.84 -5.08
CA VAL A 313 -24.75 1.03 -3.82
C VAL A 313 -24.71 2.52 -3.51
N ASP A 314 -25.32 2.90 -2.38
CA ASP A 314 -25.41 4.29 -1.95
C ASP A 314 -24.62 4.55 -0.67
N SER A 315 -23.97 3.52 -0.16
CA SER A 315 -23.14 3.62 1.07
C SER A 315 -22.39 2.30 1.24
N GLU A 316 -21.40 2.30 2.13
CA GLU A 316 -20.67 1.05 2.43
C GLU A 316 -21.66 0.03 3.00
N LYS A 317 -22.50 0.46 3.95
CA LYS A 317 -23.42 -0.49 4.63
C LYS A 317 -24.31 -1.19 3.63
N ASP A 318 -24.68 -0.50 2.56
CA ASP A 318 -25.43 -1.14 1.48
C ASP A 318 -24.79 -2.47 1.07
N ILE A 319 -23.47 -2.54 1.07
CA ILE A 319 -22.79 -3.76 0.66
C ILE A 319 -22.95 -4.84 1.73
N PHE A 320 -22.85 -4.45 3.01
CA PHE A 320 -23.08 -5.41 4.10
C PHE A 320 -24.53 -5.86 4.13
N ASP A 321 -25.46 -4.95 3.86
CA ASP A 321 -26.88 -5.33 3.81
C ASP A 321 -27.11 -6.42 2.77
N TYR A 322 -26.64 -6.19 1.53
CA TYR A 322 -26.82 -7.14 0.45
C TYR A 322 -26.42 -8.56 0.86
N ILE A 323 -25.27 -8.68 1.53
CA ILE A 323 -24.73 -9.98 1.90
C ILE A 323 -25.06 -10.33 3.37
N GLN A 324 -26.08 -9.67 3.94
CA GLN A 324 -26.64 -10.05 5.25
C GLN A 324 -25.57 -10.06 6.34
N TRP A 325 -24.78 -8.99 6.38
CA TRP A 325 -23.71 -8.80 7.35
C TRP A 325 -23.94 -7.52 8.13
N LYS A 326 -23.64 -7.64 9.42
CA LYS A 326 -23.76 -6.44 10.29
C LYS A 326 -22.61 -5.52 9.91
N TYR A 327 -22.93 -4.26 9.69
CA TYR A 327 -21.89 -3.29 9.37
C TYR A 327 -20.69 -3.44 10.29
N ARG A 328 -19.52 -3.63 9.71
CA ARG A 328 -18.27 -3.65 10.46
C ARG A 328 -17.64 -2.26 10.35
N GLU A 329 -17.62 -1.54 11.46
CA GLU A 329 -17.01 -0.20 11.47
C GLU A 329 -15.55 -0.30 11.02
N PRO A 330 -15.03 0.71 10.31
CA PRO A 330 -13.68 0.59 9.73
C PRO A 330 -12.61 0.19 10.73
N LYS A 331 -12.76 0.65 11.97
CA LYS A 331 -11.73 0.33 13.00
C LYS A 331 -11.76 -1.17 13.32
N ASP A 332 -12.91 -1.81 13.14
CA ASP A 332 -13.03 -3.22 13.48
C ASP A 332 -12.81 -4.13 12.28
N ARG A 333 -12.24 -3.61 11.19
CA ARG A 333 -12.02 -4.35 9.96
C ARG A 333 -10.59 -4.86 9.85
N SER A 334 -9.98 -5.30 10.94
CA SER A 334 -8.63 -5.82 10.80
C SER A 334 -8.64 -7.22 10.20
N GLU A 335 -9.79 -7.90 10.25
CA GLU A 335 -9.93 -9.23 9.59
C GLU A 335 -11.42 -9.56 9.44
#